data_7EUY
#
_entry.id   7EUY
#
_cell.length_a   115.838
_cell.length_b   115.838
_cell.length_c   135.455
_cell.angle_alpha   90.000
_cell.angle_beta   90.000
_cell.angle_gamma   120.000
#
_symmetry.space_group_name_H-M   'P 6'
#
loop_
_entity.id
_entity.type
_entity.pdbx_description
1 polymer 'Endopeptidase La'
2 polymer ALA-PRO-GLU-ALA-VAL
3 non-polymer 'PHOSPHATE ION'
4 water water
#
loop_
_entity_poly.entity_id
_entity_poly.type
_entity_poly.pdbx_seq_one_letter_code
_entity_poly.pdbx_strand_id
1 'polypeptide(L)'
;MRLSYEALEWRTPIENSTEPVSLPPPPPFFGQERAREALELAIRGGFHAYLVGPPSLGKHEALLAYLSTQSVETPPDLLY
VPLSERKVAVLTLPSGQEIHLAEAVEGLLLEVNRLDELFRQGSFLREKTQLEARFKEAREQQLEALRREAQEAGFALSTN
GERLELTGPGPVPAELSARLEEVTLGSLAASAELEVALRRLRRDWALHYLNNRFEPLFQRFPQARAYLEALRARLARYAE
TGEPLDPAQWRPNLLTSSSSGTPPPIVYEPYATAPRLFGRLDYLVDRGVWSTNVSLIRPGAVHRAQGGYLILDALSLKRE
GTWEAFKRALRNGQVEPVTEPQAPAGLEVEPFPIQMQVILVGTPEAFEGLEEDPAFSELFRIRAEFSPTLPASPENCTAL
GGWLLAQGFQLTQGGLTRLYDEARRMAEQRDRMDARLVEIRALAEEAAVLGGGLLTAESVEQAIAAREHRSFLSEEEFLR
AVQEGVIRLRTTGRAVGEVNSLVVVEAAPYWGRPARLTARAAPGRDHLISIDREAGLGGQIFHKAVLTLAGYLRSRYIEH
GSLPVTISLAFEQNYVSIEGDAAGLAELVAALSAIGNLPLRQDLAVTGAVDQTGKVLAVGAINAKVEGFFRVCKALGLSG
TQGVILPEANLANLTLRAEVLEAVRAGQFHIYAVETAEQALEILAGARMEGFRGLQEKIRAGLEAFARLEEGHDKEDREK
LAAALEHHHHHH
;
A
2 'polypeptide(L)' APEAV S
#
loop_
_chem_comp.id
_chem_comp.type
_chem_comp.name
_chem_comp.formula
PO4 non-polymer 'PHOSPHATE ION' 'O4 P -3'
#
# COMPACT_ATOMS: atom_id res chain seq x y z
N MET A 1 -5.39 32.12 -3.09
CA MET A 1 -6.80 32.01 -3.42
C MET A 1 -7.54 31.32 -2.27
N ARG A 2 -8.75 31.82 -2.01
CA ARG A 2 -9.67 31.27 -1.04
C ARG A 2 -10.35 30.14 -1.71
N LEU A 3 -10.52 29.01 -1.04
CA LEU A 3 -11.24 27.90 -1.62
C LEU A 3 -12.66 27.85 -1.06
N SER A 4 -13.64 28.08 -1.91
CA SER A 4 -15.00 28.14 -1.50
C SER A 4 -15.44 26.73 -1.15
N TYR A 5 -16.55 26.61 -0.43
CA TYR A 5 -17.18 25.30 -0.19
C TYR A 5 -17.44 24.59 -1.49
N GLU A 6 -17.86 25.34 -2.49
CA GLU A 6 -18.18 24.73 -3.78
C GLU A 6 -16.92 24.14 -4.41
N ALA A 7 -15.82 24.88 -4.37
CA ALA A 7 -14.55 24.35 -4.86
C ALA A 7 -14.11 23.11 -4.05
N LEU A 8 -14.46 23.03 -2.77
CA LEU A 8 -13.99 21.93 -1.91
C LEU A 8 -14.87 20.67 -1.96
N GLU A 9 -16.16 20.82 -2.26
CA GLU A 9 -17.07 19.66 -2.29
C GLU A 9 -16.62 18.68 -3.35
N TRP A 10 -16.62 17.41 -3.01
CA TRP A 10 -16.04 16.38 -3.88
C TRP A 10 -16.88 15.15 -3.92
N ARG A 11 -17.83 15.09 -2.99
CA ARG A 11 -18.69 13.91 -2.80
C ARG A 11 -19.76 13.75 -3.90
N THR A 12 -20.21 12.52 -4.08
CA THR A 12 -21.14 12.16 -5.13
C THR A 12 -22.58 12.45 -4.61
N PRO A 13 -23.36 13.27 -5.31
CA PRO A 13 -24.76 13.46 -4.84
C PRO A 13 -25.50 12.13 -4.81
N ILE A 14 -26.36 11.93 -3.82
CA ILE A 14 -27.13 10.68 -3.75
C ILE A 14 -28.60 10.97 -4.10
N GLU A 15 -29.11 10.20 -5.04
CA GLU A 15 -30.51 10.24 -5.39
C GLU A 15 -31.05 8.88 -5.00
N ASN A 16 -32.23 8.90 -4.42
CA ASN A 16 -32.89 7.70 -3.95
C ASN A 16 -32.04 6.72 -3.08
N SER A 17 -31.54 7.24 -1.98
CA SER A 17 -30.52 6.58 -1.11
C SER A 17 -30.86 5.16 -0.77
N THR A 18 -32.11 4.91 -0.42
CA THR A 18 -32.50 3.57 0.09
C THR A 18 -32.89 2.58 -0.96
N GLU A 19 -32.91 2.99 -2.21
CA GLU A 19 -33.27 2.08 -3.31
C GLU A 19 -32.25 0.92 -3.45
N PRO A 20 -32.74 -0.36 -3.51
CA PRO A 20 -31.81 -1.45 -3.66
C PRO A 20 -31.06 -1.43 -4.99
N VAL A 21 -29.82 -1.85 -4.96
CA VAL A 21 -28.96 -1.85 -6.12
C VAL A 21 -29.06 -3.24 -6.76
N SER A 22 -29.14 -3.26 -8.07
CA SER A 22 -29.22 -4.48 -8.82
C SER A 22 -28.28 -4.35 -10.02
N LEU A 23 -27.16 -5.08 -10.02
CA LEU A 23 -26.12 -4.88 -11.04
C LEU A 23 -25.45 -6.20 -11.23
N PRO A 24 -24.97 -6.49 -12.45
CA PRO A 24 -24.29 -7.77 -12.66
C PRO A 24 -22.82 -7.70 -12.18
N PRO A 25 -22.22 -8.86 -11.89
CA PRO A 25 -20.86 -8.93 -11.38
C PRO A 25 -19.86 -8.53 -12.46
N PRO A 26 -18.87 -7.67 -12.13
CA PRO A 26 -17.89 -7.32 -13.17
C PRO A 26 -16.95 -8.52 -13.43
N PRO A 27 -16.26 -8.55 -14.56
CA PRO A 27 -15.27 -9.63 -14.76
C PRO A 27 -14.04 -9.52 -13.83
N PRO A 28 -13.33 -10.64 -13.61
CA PRO A 28 -12.04 -10.60 -12.92
C PRO A 28 -11.11 -9.54 -13.54
N PHE A 29 -10.39 -8.81 -12.69
CA PHE A 29 -9.42 -7.80 -13.18
C PHE A 29 -10.03 -6.56 -13.77
N PHE A 30 -11.26 -6.20 -13.37
CA PHE A 30 -11.84 -4.95 -13.85
C PHE A 30 -10.97 -3.78 -13.44
N GLY A 31 -10.76 -2.83 -14.34
CA GLY A 31 -9.88 -1.70 -14.05
C GLY A 31 -8.40 -2.06 -13.89
N GLN A 32 -8.05 -3.32 -14.06
CA GLN A 32 -6.64 -3.73 -13.92
C GLN A 32 -6.19 -4.33 -15.28
N GLU A 33 -6.16 -3.50 -16.32
CA GLU A 33 -5.93 -3.96 -17.71
C GLU A 33 -4.49 -4.50 -17.92
N ARG A 34 -3.53 -3.71 -17.42
CA ARG A 34 -2.13 -4.07 -17.47
C ARG A 34 -1.89 -5.49 -16.96
N ALA A 35 -2.41 -5.81 -15.79
CA ALA A 35 -2.16 -7.07 -15.19
C ALA A 35 -2.92 -8.19 -15.88
N ARG A 36 -4.13 -7.89 -16.32
CA ARG A 36 -4.92 -8.90 -17.03
C ARG A 36 -4.25 -9.26 -18.34
N GLU A 37 -3.83 -8.25 -19.10
CA GLU A 37 -3.17 -8.48 -20.40
C GLU A 37 -1.82 -9.25 -20.20
N ALA A 38 -1.05 -8.91 -19.14
CA ALA A 38 0.18 -9.67 -18.77
C ALA A 38 -0.16 -11.15 -18.57
N LEU A 39 -1.18 -11.41 -17.78
CA LEU A 39 -1.55 -12.77 -17.48
C LEU A 39 -2.08 -13.53 -18.70
N GLU A 40 -2.78 -12.83 -19.59
CA GLU A 40 -3.25 -13.48 -20.81
C GLU A 40 -2.06 -13.90 -21.66
N LEU A 41 -1.07 -13.02 -21.76
CA LEU A 41 0.15 -13.38 -22.46
C LEU A 41 0.84 -14.60 -21.81
N ALA A 42 0.94 -14.65 -20.49
CA ALA A 42 1.55 -15.81 -19.84
C ALA A 42 0.79 -17.12 -20.13
N ILE A 43 -0.53 -17.05 -20.09
CA ILE A 43 -1.39 -18.21 -20.38
C ILE A 43 -1.16 -18.63 -21.86
N ARG A 44 -1.27 -17.69 -22.79
CA ARG A 44 -1.04 -17.94 -24.21
C ARG A 44 0.37 -18.54 -24.45
N GLY A 45 1.40 -18.03 -23.79
CA GLY A 45 2.77 -18.50 -24.05
C GLY A 45 3.22 -19.69 -23.20
N GLY A 46 2.45 -20.11 -22.21
CA GLY A 46 3.01 -21.04 -21.23
C GLY A 46 4.10 -20.43 -20.35
N PHE A 47 4.17 -19.10 -20.21
CA PHE A 47 5.22 -18.53 -19.35
C PHE A 47 4.84 -18.48 -17.88
N HIS A 48 5.82 -18.57 -17.01
CA HIS A 48 5.59 -18.33 -15.62
C HIS A 48 5.44 -16.84 -15.39
N ALA A 49 4.64 -16.49 -14.39
CA ALA A 49 4.31 -15.12 -14.15
C ALA A 49 4.31 -14.84 -12.65
N TYR A 50 4.44 -13.55 -12.37
CA TYR A 50 4.26 -13.06 -11.03
C TYR A 50 3.29 -11.85 -10.98
N LEU A 51 2.39 -11.94 -10.02
CA LEU A 51 1.34 -10.96 -9.72
C LEU A 51 1.77 -10.06 -8.59
N VAL A 52 1.88 -8.78 -8.86
CA VAL A 52 2.49 -7.89 -7.92
C VAL A 52 1.53 -6.74 -7.68
N GLY A 53 1.42 -6.36 -6.40
CA GLY A 53 0.60 -5.23 -5.97
C GLY A 53 0.53 -5.15 -4.45
N PRO A 54 0.16 -4.00 -3.90
CA PRO A 54 0.05 -3.92 -2.43
C PRO A 54 -0.93 -4.89 -1.76
N PRO A 55 -0.81 -5.05 -0.44
CA PRO A 55 -1.69 -5.98 0.31
C PRO A 55 -3.20 -5.62 0.19
N SER A 56 -4.09 -6.60 0.30
CA SER A 56 -5.55 -6.34 0.33
C SER A 56 -6.17 -5.85 -0.94
N LEU A 57 -5.55 -6.17 -2.07
CA LEU A 57 -6.10 -5.80 -3.35
C LEU A 57 -7.05 -6.88 -3.77
N GLY A 58 -7.01 -8.08 -3.20
CA GLY A 58 -7.77 -9.14 -3.84
C GLY A 58 -7.06 -9.83 -5.03
N LYS A 59 -5.73 -9.73 -5.08
CA LYS A 59 -4.91 -10.36 -6.15
C LYS A 59 -5.20 -11.88 -6.20
N HIS A 60 -5.20 -12.57 -5.07
CA HIS A 60 -5.47 -14.03 -5.09
C HIS A 60 -6.84 -14.36 -5.61
N GLU A 61 -7.88 -13.67 -5.11
CA GLU A 61 -9.26 -13.92 -5.56
C GLU A 61 -9.44 -13.60 -7.02
N ALA A 62 -8.89 -12.50 -7.50
CA ALA A 62 -9.02 -12.19 -8.93
C ALA A 62 -8.33 -13.29 -9.75
N LEU A 63 -7.19 -13.81 -9.27
CA LEU A 63 -6.44 -14.81 -10.02
C LEU A 63 -7.15 -16.17 -10.09
N LEU A 64 -7.70 -16.62 -8.98
CA LEU A 64 -8.45 -17.89 -8.94
C LEU A 64 -9.70 -17.81 -9.81
N ALA A 65 -10.36 -16.65 -9.84
CA ALA A 65 -11.56 -16.51 -10.65
C ALA A 65 -11.15 -16.51 -12.12
N TYR A 66 -10.13 -15.74 -12.49
CA TYR A 66 -9.68 -15.79 -13.88
C TYR A 66 -9.21 -17.16 -14.34
N LEU A 67 -8.51 -17.90 -13.47
CA LEU A 67 -8.06 -19.24 -13.87
C LEU A 67 -9.22 -20.24 -14.00
N SER A 68 -10.23 -20.09 -13.14
CA SER A 68 -11.46 -20.93 -13.16
C SER A 68 -12.17 -21.03 -14.52
N THR A 69 -11.97 -20.04 -15.38
CA THR A 69 -12.65 -19.96 -16.67
C THR A 69 -11.81 -20.50 -17.80
N GLN A 70 -10.61 -20.99 -17.52
CA GLN A 70 -9.73 -21.43 -18.60
C GLN A 70 -10.06 -22.87 -18.94
N SER A 71 -9.48 -23.33 -20.04
CA SER A 71 -9.60 -24.73 -20.45
C SER A 71 -8.30 -25.26 -20.98
N VAL A 72 -7.98 -26.47 -20.60
CA VAL A 72 -6.81 -27.17 -21.15
C VAL A 72 -7.21 -28.59 -21.49
N GLU A 73 -6.43 -29.25 -22.35
CA GLU A 73 -6.61 -30.70 -22.55
C GLU A 73 -6.64 -31.36 -21.18
N THR A 74 -7.46 -32.40 -21.03
CA THR A 74 -7.51 -33.17 -19.79
C THR A 74 -6.08 -33.55 -19.35
N PRO A 75 -5.74 -33.32 -18.07
CA PRO A 75 -4.38 -33.68 -17.66
C PRO A 75 -4.15 -35.19 -17.67
N PRO A 76 -2.94 -35.62 -18.07
CA PRO A 76 -2.58 -37.02 -18.04
C PRO A 76 -2.76 -37.65 -16.68
N ASP A 77 -2.84 -38.97 -16.64
CA ASP A 77 -2.64 -39.71 -15.42
C ASP A 77 -1.24 -39.38 -14.95
N LEU A 78 -1.06 -39.28 -13.64
CA LEU A 78 0.29 -39.03 -13.11
C LEU A 78 0.65 -40.07 -12.07
N LEU A 79 1.85 -40.64 -12.24
CA LEU A 79 2.27 -41.72 -11.34
C LEU A 79 3.79 -41.88 -11.13
N TYR A 80 4.13 -42.47 -9.97
CA TYR A 80 5.46 -43.03 -9.73
C TYR A 80 5.48 -44.52 -10.13
N VAL A 81 6.43 -44.88 -10.98
CA VAL A 81 6.72 -46.29 -11.26
C VAL A 81 8.16 -46.62 -10.84
N PRO A 82 8.38 -47.79 -10.23
CA PRO A 82 9.74 -48.25 -9.93
C PRO A 82 10.52 -48.69 -11.18
N LEU A 83 11.82 -48.40 -11.20
CA LEU A 83 12.73 -48.90 -12.24
C LEU A 83 13.71 -49.89 -11.60
N SER A 84 13.44 -50.23 -10.35
CA SER A 84 14.41 -50.87 -9.50
C SER A 84 13.75 -50.94 -8.13
N GLU A 85 14.44 -51.51 -7.14
CA GLU A 85 13.95 -51.50 -5.77
C GLU A 85 14.50 -50.33 -4.94
N ARG A 86 15.28 -49.46 -5.58
CA ARG A 86 15.77 -48.25 -4.92
C ARG A 86 15.64 -47.03 -5.85
N LYS A 87 14.81 -47.14 -6.87
CA LYS A 87 14.69 -46.11 -7.88
C LYS A 87 13.25 -46.00 -8.38
N VAL A 88 12.82 -44.76 -8.62
CA VAL A 88 11.47 -44.48 -9.10
C VAL A 88 11.56 -43.37 -10.14
N ALA A 89 10.58 -43.32 -11.04
CA ALA A 89 10.48 -42.23 -12.00
C ALA A 89 9.06 -41.77 -12.02
N VAL A 90 8.87 -40.52 -12.46
CA VAL A 90 7.55 -39.93 -12.57
C VAL A 90 7.11 -40.14 -14.02
N LEU A 91 5.88 -40.63 -14.21
CA LEU A 91 5.38 -40.98 -15.54
C LEU A 91 3.96 -40.45 -15.79
N THR A 92 3.71 -39.96 -17.01
CA THR A 92 2.33 -39.71 -17.47
C THR A 92 1.89 -40.73 -18.52
N LEU A 93 0.72 -41.32 -18.29
CA LEU A 93 -0.06 -41.96 -19.37
C LEU A 93 -1.18 -41.02 -19.76
N PRO A 94 -1.64 -41.09 -21.01
CA PRO A 94 -2.95 -40.55 -21.38
C PRO A 94 -4.05 -40.93 -20.37
N SER A 95 -4.93 -39.96 -20.11
CA SER A 95 -5.88 -39.97 -18.98
C SER A 95 -6.76 -41.23 -18.87
N GLY A 96 -6.98 -41.72 -17.65
CA GLY A 96 -7.73 -42.97 -17.40
C GLY A 96 -6.93 -44.29 -17.53
N GLN A 97 -6.04 -44.33 -18.51
CA GLN A 97 -5.18 -45.47 -18.83
C GLN A 97 -4.33 -46.01 -17.67
N GLU A 98 -4.37 -45.37 -16.50
CA GLU A 98 -3.64 -45.89 -15.33
C GLU A 98 -4.25 -47.17 -14.80
N ILE A 99 -5.56 -47.16 -14.59
CA ILE A 99 -6.25 -48.25 -13.92
C ILE A 99 -6.07 -49.60 -14.65
N HIS A 100 -5.93 -49.55 -15.98
CA HIS A 100 -5.67 -50.73 -16.83
C HIS A 100 -4.24 -51.30 -16.67
N LEU A 101 -3.24 -50.42 -16.70
CA LEU A 101 -1.84 -50.82 -16.46
C LEU A 101 -1.62 -51.33 -15.03
N ALA A 102 -2.47 -50.87 -14.11
CA ALA A 102 -2.43 -51.29 -12.71
C ALA A 102 -3.00 -52.70 -12.52
N GLU A 103 -4.13 -52.97 -13.17
CA GLU A 103 -4.78 -54.29 -13.09
C GLU A 103 -3.98 -55.36 -13.83
N ALA A 104 -3.50 -55.04 -15.04
CA ALA A 104 -2.55 -55.91 -15.75
C ALA A 104 -1.38 -56.29 -14.83
N VAL A 105 -0.84 -55.29 -14.14
CA VAL A 105 0.16 -55.50 -13.10
C VAL A 105 -0.41 -56.35 -11.96
N GLU A 106 -1.61 -56.00 -11.49
CA GLU A 106 -2.25 -56.71 -10.38
C GLU A 106 -2.46 -58.20 -10.71
N GLY A 107 -2.38 -58.54 -12.00
CA GLY A 107 -2.09 -59.92 -12.39
C GLY A 107 -0.66 -60.17 -11.91
N LEU A 108 0.24 -60.46 -12.83
CA LEU A 108 1.67 -60.53 -12.48
C LEU A 108 2.49 -60.61 -13.76
N ARG A 220 0.56 -52.74 -24.94
CA ARG A 220 -0.53 -51.77 -25.00
C ARG A 220 -0.21 -50.47 -24.24
N PHE A 221 0.98 -50.35 -23.66
CA PHE A 221 1.33 -49.18 -22.86
C PHE A 221 2.72 -48.66 -23.22
N PRO A 222 2.90 -48.19 -24.47
CA PRO A 222 4.20 -47.75 -25.03
C PRO A 222 4.98 -46.74 -24.17
N GLN A 223 4.25 -45.94 -23.38
CA GLN A 223 4.84 -44.93 -22.51
C GLN A 223 5.48 -45.59 -21.29
N ALA A 224 4.84 -46.63 -20.76
CA ALA A 224 5.29 -47.30 -19.53
C ALA A 224 6.36 -48.38 -19.77
N ARG A 225 7.26 -48.14 -20.72
CA ARG A 225 8.19 -49.21 -21.15
C ARG A 225 9.13 -49.66 -20.03
N ALA A 226 9.88 -48.71 -19.47
CA ALA A 226 11.03 -49.04 -18.63
C ALA A 226 10.54 -49.67 -17.33
N TYR A 227 9.35 -49.28 -16.89
CA TYR A 227 8.73 -49.87 -15.71
C TYR A 227 8.55 -51.38 -15.85
N LEU A 228 8.14 -51.81 -17.03
CA LEU A 228 7.86 -53.23 -17.29
C LEU A 228 9.16 -53.99 -17.57
N GLU A 229 9.93 -53.55 -18.57
CA GLU A 229 11.26 -54.11 -18.83
C GLU A 229 11.93 -54.49 -17.51
N ALA A 230 12.13 -53.49 -16.67
CA ALA A 230 12.74 -53.66 -15.35
C ALA A 230 11.91 -54.56 -14.41
N LEU A 231 10.60 -54.67 -14.65
CA LEU A 231 9.76 -55.63 -13.93
C LEU A 231 10.02 -57.10 -14.37
N ARG A 232 11.28 -57.45 -14.65
CA ARG A 232 11.67 -58.81 -14.98
C ARG A 232 12.99 -59.12 -14.30
N ARG A 237 12.65 -63.14 -12.01
CA ARG A 237 13.74 -63.80 -11.30
C ARG A 237 13.40 -64.01 -9.82
N TYR A 238 12.12 -63.97 -9.50
CA TYR A 238 11.63 -64.64 -8.30
C TYR A 238 11.60 -66.13 -8.63
N ALA A 239 11.23 -66.45 -9.86
CA ALA A 239 11.25 -67.82 -10.35
C ALA A 239 12.68 -68.35 -10.49
N GLU A 240 13.58 -67.48 -10.95
CA GLU A 240 14.99 -67.86 -11.18
C GLU A 240 15.79 -68.06 -9.89
N THR A 241 15.30 -67.56 -8.75
CA THR A 241 16.01 -67.72 -7.48
C THR A 241 15.10 -67.89 -6.25
N GLY A 242 13.80 -68.11 -6.47
CA GLY A 242 12.83 -68.15 -5.35
C GLY A 242 12.81 -66.85 -4.59
N GLU A 243 13.26 -65.78 -5.26
CA GLU A 243 13.53 -64.48 -4.63
C GLU A 243 12.23 -63.80 -4.22
N PRO A 244 11.88 -63.85 -2.92
CA PRO A 244 10.54 -63.35 -2.51
C PRO A 244 10.40 -61.82 -2.57
N GLN A 249 5.44 -52.97 -3.11
CA GLN A 249 6.76 -52.53 -3.53
C GLN A 249 6.98 -52.62 -5.03
N TRP A 250 5.97 -53.05 -5.78
CA TRP A 250 6.14 -53.17 -7.23
C TRP A 250 5.05 -52.62 -8.14
N ARG A 251 3.87 -52.34 -7.59
CA ARG A 251 2.77 -51.82 -8.41
C ARG A 251 2.83 -50.29 -8.53
N PRO A 252 2.34 -49.74 -9.65
CA PRO A 252 2.45 -48.29 -9.89
C PRO A 252 1.75 -47.48 -8.81
N ASN A 253 2.18 -46.24 -8.63
CA ASN A 253 1.54 -45.36 -7.66
C ASN A 253 0.93 -44.15 -8.35
N LEU A 254 -0.39 -44.20 -8.52
CA LEU A 254 -1.17 -43.11 -9.08
C LEU A 254 -1.14 -41.92 -8.12
N LEU A 255 -0.60 -40.80 -8.60
CA LEU A 255 -0.56 -39.60 -7.80
C LEU A 255 -1.85 -38.83 -8.01
N THR A 256 -2.26 -38.67 -9.27
CA THR A 256 -3.46 -37.92 -9.61
C THR A 256 -4.10 -38.41 -10.90
N SER A 257 -5.37 -38.07 -11.07
CA SER A 257 -6.05 -38.15 -12.37
C SER A 257 -7.29 -37.25 -12.38
N SER A 258 -7.85 -37.02 -13.57
CA SER A 258 -9.07 -36.21 -13.70
C SER A 258 -9.78 -36.38 -15.05
N SER A 259 -11.01 -35.86 -15.13
CA SER A 259 -11.93 -36.14 -16.24
C SER A 259 -12.06 -35.02 -17.27
N SER A 260 -11.56 -33.83 -16.95
CA SER A 260 -11.50 -32.72 -17.89
C SER A 260 -10.46 -31.72 -17.43
N GLY A 261 -9.85 -31.03 -18.38
CA GLY A 261 -8.99 -29.89 -18.10
C GLY A 261 -9.76 -28.59 -18.20
N THR A 262 -10.97 -28.62 -17.65
CA THR A 262 -11.85 -27.46 -17.70
C THR A 262 -12.76 -27.52 -16.48
N PRO A 263 -12.44 -26.75 -15.43
CA PRO A 263 -11.26 -25.89 -15.33
C PRO A 263 -9.94 -26.70 -15.26
N PRO A 264 -8.81 -26.06 -15.55
CA PRO A 264 -7.54 -26.76 -15.41
C PRO A 264 -7.25 -27.00 -13.95
N PRO A 265 -6.26 -27.84 -13.66
CA PRO A 265 -5.84 -27.90 -12.25
C PRO A 265 -5.31 -26.52 -11.80
N ILE A 266 -5.71 -26.15 -10.60
CA ILE A 266 -5.39 -24.87 -10.02
C ILE A 266 -5.07 -25.18 -8.58
N VAL A 267 -3.79 -25.13 -8.21
CA VAL A 267 -3.35 -25.48 -6.86
C VAL A 267 -2.66 -24.28 -6.27
N TYR A 268 -3.30 -23.70 -5.28
CA TYR A 268 -2.77 -22.61 -4.50
C TYR A 268 -2.27 -23.22 -3.23
N GLU A 269 -0.94 -23.16 -3.00
CA GLU A 269 -0.32 -23.63 -1.78
C GLU A 269 0.30 -22.46 -1.04
N PRO A 270 -0.41 -21.90 -0.05
CA PRO A 270 0.11 -20.69 0.60
C PRO A 270 1.32 -20.95 1.50
N TYR A 271 1.54 -22.21 1.85
CA TYR A 271 2.54 -22.55 2.84
C TYR A 271 3.59 -23.40 2.12
N ALA A 272 4.65 -22.74 1.65
CA ALA A 272 5.58 -23.31 0.65
C ALA A 272 6.72 -24.12 1.28
N THR A 273 6.39 -25.14 2.08
CA THR A 273 7.45 -25.92 2.74
C THR A 273 7.87 -27.00 1.78
N ALA A 274 9.01 -27.64 2.02
CA ALA A 274 9.49 -28.68 1.08
C ALA A 274 8.49 -29.81 0.88
N PRO A 275 7.95 -30.35 1.98
CA PRO A 275 6.97 -31.44 1.85
C PRO A 275 5.69 -31.09 1.10
N ARG A 276 5.18 -29.90 1.32
CA ARG A 276 3.97 -29.46 0.63
C ARG A 276 4.27 -29.16 -0.83
N LEU A 277 5.46 -28.67 -1.12
CA LEU A 277 5.81 -28.44 -2.54
C LEU A 277 6.09 -29.79 -3.24
N PHE A 278 6.85 -30.65 -2.58
CA PHE A 278 7.44 -31.80 -3.29
C PHE A 278 6.96 -33.20 -2.88
N GLY A 279 6.17 -33.28 -1.82
CA GLY A 279 5.64 -34.54 -1.37
C GLY A 279 6.53 -35.11 -0.29
N ARG A 280 6.21 -36.35 0.09
CA ARG A 280 6.80 -36.92 1.29
C ARG A 280 6.95 -38.44 1.14
N LEU A 281 8.03 -38.99 1.70
CA LEU A 281 8.21 -40.45 1.88
C LEU A 281 7.69 -40.87 3.24
N ASP A 282 6.69 -41.75 3.26
CA ASP A 282 6.30 -42.36 4.52
C ASP A 282 7.12 -43.65 4.70
N TYR A 283 7.29 -44.05 5.97
CA TYR A 283 8.08 -45.23 6.33
C TYR A 283 7.26 -46.28 7.06
N LEU A 284 7.05 -47.44 6.41
CA LEU A 284 6.40 -48.61 7.01
C LEU A 284 7.43 -49.51 7.65
N VAL A 285 7.43 -49.56 8.98
CA VAL A 285 8.43 -50.30 9.76
C VAL A 285 8.48 -51.78 9.36
N TRP A 290 12.35 -50.36 9.61
CA TRP A 290 12.03 -49.31 8.64
C TRP A 290 12.13 -49.84 7.22
N SER A 291 11.07 -49.66 6.44
CA SER A 291 11.09 -49.89 5.00
C SER A 291 10.33 -48.75 4.31
N THR A 292 10.58 -48.57 3.01
CA THR A 292 9.72 -47.76 2.16
C THR A 292 9.81 -48.27 0.74
N ASN A 293 8.88 -47.80 -0.08
CA ASN A 293 8.81 -48.18 -1.48
C ASN A 293 7.94 -47.22 -2.26
N VAL A 294 7.92 -47.41 -3.57
CA VAL A 294 7.08 -46.63 -4.49
C VAL A 294 5.72 -46.23 -3.96
N SER A 295 5.07 -47.09 -3.19
CA SER A 295 3.68 -46.83 -2.78
C SER A 295 3.54 -46.00 -1.49
N LEU A 296 4.63 -45.73 -0.79
CA LEU A 296 4.60 -44.82 0.37
C LEU A 296 5.01 -43.35 0.01
N ILE A 297 5.14 -43.05 -1.28
CA ILE A 297 5.51 -41.71 -1.74
C ILE A 297 4.25 -40.89 -1.98
N ARG A 298 4.05 -39.86 -1.16
CA ARG A 298 2.87 -39.00 -1.32
C ARG A 298 3.18 -37.79 -2.22
N PRO A 299 2.19 -37.36 -3.03
CA PRO A 299 2.43 -36.21 -3.90
C PRO A 299 2.39 -34.88 -3.17
N GLY A 300 2.91 -33.86 -3.84
CA GLY A 300 3.00 -32.48 -3.31
C GLY A 300 2.33 -31.58 -4.31
N ALA A 301 2.26 -30.29 -3.97
CA ALA A 301 1.63 -29.30 -4.82
C ALA A 301 2.13 -29.36 -6.25
N VAL A 302 3.42 -29.59 -6.44
CA VAL A 302 4.00 -29.59 -7.79
C VAL A 302 3.33 -30.70 -8.59
N HIS A 303 3.15 -31.85 -7.95
CA HIS A 303 2.52 -33.00 -8.60
C HIS A 303 1.03 -32.72 -8.88
N ARG A 304 0.31 -32.17 -7.92
CA ARG A 304 -1.11 -31.84 -8.14
C ARG A 304 -1.32 -30.73 -9.18
N ALA A 305 -0.30 -29.93 -9.48
CA ALA A 305 -0.47 -28.82 -10.41
C ALA A 305 -0.12 -29.15 -11.84
N GLN A 306 0.32 -30.40 -12.12
CA GLN A 306 0.74 -30.78 -13.50
C GLN A 306 -0.40 -30.64 -14.55
N GLY A 307 -0.08 -30.05 -15.69
CA GLY A 307 -1.05 -29.73 -16.72
C GLY A 307 -1.90 -28.51 -16.38
N GLY A 308 -1.49 -27.77 -15.33
CA GLY A 308 -2.28 -26.67 -14.84
C GLY A 308 -1.44 -25.60 -14.19
N TYR A 309 -1.92 -25.05 -13.08
CA TYR A 309 -1.33 -23.87 -12.51
C TYR A 309 -1.03 -24.13 -11.06
N LEU A 310 0.19 -23.75 -10.67
CA LEU A 310 0.60 -23.72 -9.30
C LEU A 310 0.77 -22.25 -8.89
N ILE A 311 0.12 -21.89 -7.76
CA ILE A 311 0.18 -20.53 -7.25
C ILE A 311 0.85 -20.58 -5.89
N LEU A 312 1.87 -19.74 -5.70
CA LEU A 312 2.60 -19.64 -4.46
C LEU A 312 2.77 -18.18 -4.11
N ASP A 313 3.04 -17.91 -2.82
CA ASP A 313 3.34 -16.57 -2.37
C ASP A 313 4.84 -16.41 -2.25
N ALA A 314 5.36 -15.29 -2.77
CA ALA A 314 6.79 -15.03 -2.77
C ALA A 314 7.37 -15.07 -1.38
N LEU A 315 6.66 -14.40 -0.47
CA LEU A 315 7.00 -14.37 0.94
C LEU A 315 7.13 -15.77 1.57
N SER A 316 6.25 -16.71 1.27
CA SER A 316 6.37 -18.05 1.84
C SER A 316 7.65 -18.71 1.30
N LEU A 317 7.92 -18.61 -0.01
CA LEU A 317 9.16 -19.22 -0.57
C LEU A 317 10.42 -18.75 0.19
N LYS A 318 10.48 -17.46 0.52
CA LYS A 318 11.60 -16.88 1.25
C LYS A 318 11.68 -17.40 2.68
N ARG A 319 10.60 -17.18 3.42
CA ARG A 319 10.52 -17.53 4.82
C ARG A 319 10.71 -19.04 5.03
N GLU A 320 10.24 -19.89 4.11
CA GLU A 320 10.35 -21.34 4.32
C GLU A 320 11.71 -21.86 3.85
N GLY A 321 12.53 -20.99 3.27
CA GLY A 321 13.84 -21.39 2.76
C GLY A 321 13.80 -22.28 1.51
N THR A 322 12.70 -22.24 0.74
CA THR A 322 12.49 -23.20 -0.35
C THR A 322 12.74 -22.65 -1.76
N TRP A 323 13.19 -21.39 -1.83
CA TRP A 323 13.40 -20.76 -3.12
C TRP A 323 14.42 -21.54 -3.97
N GLU A 324 15.51 -22.03 -3.34
CA GLU A 324 16.56 -22.66 -4.09
C GLU A 324 16.07 -24.00 -4.57
N ALA A 325 15.39 -24.76 -3.72
CA ALA A 325 14.88 -26.06 -4.19
C ALA A 325 13.80 -25.86 -5.25
N PHE A 326 13.05 -24.76 -5.17
CA PHE A 326 12.00 -24.54 -6.15
C PHE A 326 12.61 -24.23 -7.52
N LYS A 327 13.67 -23.45 -7.55
CA LYS A 327 14.46 -23.22 -8.78
C LYS A 327 14.94 -24.49 -9.39
N ARG A 328 15.48 -25.37 -8.57
CA ARG A 328 16.01 -26.64 -9.09
C ARG A 328 14.88 -27.46 -9.69
N ALA A 329 13.70 -27.39 -9.10
CA ALA A 329 12.56 -28.10 -9.67
C ALA A 329 12.22 -27.58 -11.05
N LEU A 330 12.20 -26.26 -11.21
CA LEU A 330 11.84 -25.66 -12.50
C LEU A 330 12.98 -25.67 -13.53
N ARG A 331 14.24 -25.52 -13.10
CA ARG A 331 15.38 -25.51 -14.04
C ARG A 331 15.84 -26.90 -14.44
N ASN A 332 15.73 -27.88 -13.54
CA ASN A 332 16.29 -29.23 -13.76
C ASN A 332 15.31 -30.36 -13.55
N GLY A 333 14.05 -30.05 -13.22
CA GLY A 333 13.11 -31.12 -12.98
C GLY A 333 13.41 -31.98 -11.76
N GLN A 334 14.21 -31.47 -10.82
CA GLN A 334 14.48 -32.20 -9.59
C GLN A 334 13.35 -31.96 -8.61
N VAL A 335 12.52 -32.98 -8.43
CA VAL A 335 11.45 -32.95 -7.48
C VAL A 335 11.58 -34.15 -6.55
N GLU A 336 12.10 -33.90 -5.35
CA GLU A 336 12.41 -34.99 -4.41
C GLU A 336 11.51 -34.94 -3.20
N PRO A 337 10.76 -36.02 -2.98
CA PRO A 337 9.94 -36.14 -1.78
C PRO A 337 10.79 -36.00 -0.56
N VAL A 338 10.23 -35.42 0.50
CA VAL A 338 11.01 -35.26 1.72
C VAL A 338 11.12 -36.59 2.47
N THR A 339 12.32 -36.82 3.02
CA THR A 339 12.73 -38.06 3.69
C THR A 339 13.09 -37.78 5.16
N GLU A 340 13.66 -38.76 5.86
CA GLU A 340 14.16 -38.55 7.21
C GLU A 340 15.65 -38.90 7.33
N PRO A 341 16.43 -38.05 8.03
CA PRO A 341 17.90 -38.16 8.10
C PRO A 341 18.40 -39.54 8.57
N PRO A 344 17.39 -43.72 7.18
CA PRO A 344 17.56 -45.18 7.21
C PRO A 344 18.18 -45.69 5.91
N ALA A 345 17.53 -45.34 4.80
CA ALA A 345 17.95 -45.67 3.43
C ALA A 345 16.80 -45.26 2.53
N GLY A 346 17.09 -44.56 1.44
CA GLY A 346 16.05 -43.89 0.67
C GLY A 346 15.95 -44.40 -0.74
N LEU A 347 14.88 -44.00 -1.42
CA LEU A 347 14.73 -44.24 -2.85
C LEU A 347 15.33 -43.06 -3.58
N GLU A 348 15.97 -43.36 -4.70
CA GLU A 348 16.40 -42.36 -5.66
C GLU A 348 15.19 -41.99 -6.53
N VAL A 349 15.04 -40.70 -6.81
CA VAL A 349 13.90 -40.25 -7.57
C VAL A 349 14.45 -39.57 -8.79
N GLU A 350 14.07 -40.05 -9.98
CA GLU A 350 14.68 -39.51 -11.17
C GLU A 350 14.14 -38.12 -11.42
N PRO A 351 14.92 -37.26 -12.08
CA PRO A 351 14.29 -36.01 -12.49
C PRO A 351 13.10 -36.30 -13.41
N PHE A 352 12.25 -35.29 -13.64
CA PHE A 352 11.18 -35.41 -14.64
C PHE A 352 10.80 -34.08 -15.28
N PRO A 353 10.37 -34.12 -16.55
CA PRO A 353 10.00 -32.88 -17.22
C PRO A 353 8.73 -32.30 -16.56
N ILE A 354 8.87 -31.12 -15.95
CA ILE A 354 7.76 -30.48 -15.24
C ILE A 354 6.81 -29.87 -16.24
N GLN A 355 5.53 -30.18 -16.17
CA GLN A 355 4.51 -29.52 -17.00
C GLN A 355 3.54 -28.70 -16.16
N MET A 356 3.91 -27.47 -15.88
CA MET A 356 3.01 -26.63 -15.16
C MET A 356 3.36 -25.18 -15.38
N GLN A 357 2.38 -24.35 -15.14
CA GLN A 357 2.64 -22.92 -15.11
C GLN A 357 2.59 -22.46 -13.64
N VAL A 358 3.54 -21.63 -13.25
CA VAL A 358 3.66 -21.17 -11.91
C VAL A 358 3.37 -19.67 -11.94
N ILE A 359 2.60 -19.24 -10.95
CA ILE A 359 2.24 -17.85 -10.74
C ILE A 359 2.55 -17.49 -9.30
N LEU A 360 3.50 -16.59 -9.11
CA LEU A 360 3.85 -16.14 -7.80
C LEU A 360 3.04 -14.89 -7.50
N VAL A 361 2.75 -14.66 -6.22
CA VAL A 361 1.94 -13.51 -5.77
C VAL A 361 2.65 -12.81 -4.63
N GLY A 362 2.70 -11.48 -4.68
CA GLY A 362 3.26 -10.76 -3.56
C GLY A 362 3.26 -9.28 -3.80
N THR A 363 3.72 -8.54 -2.80
CA THR A 363 3.89 -7.09 -2.93
C THR A 363 5.15 -6.73 -3.67
N PRO A 364 5.25 -5.47 -4.19
CA PRO A 364 6.48 -4.97 -4.75
C PRO A 364 7.69 -5.29 -3.89
N GLU A 365 7.56 -5.07 -2.60
CA GLU A 365 8.64 -5.34 -1.67
C GLU A 365 8.91 -6.85 -1.52
N ALA A 366 7.88 -7.69 -1.46
CA ALA A 366 8.11 -9.14 -1.34
C ALA A 366 9.01 -9.69 -2.46
N PHE A 367 9.03 -9.00 -3.61
CA PHE A 367 9.70 -9.47 -4.79
C PHE A 367 11.15 -9.01 -4.87
N GLU A 368 11.53 -8.00 -4.08
CA GLU A 368 12.89 -7.41 -4.22
C GLU A 368 13.99 -8.29 -3.69
N GLY A 369 13.71 -9.05 -2.64
CA GLY A 369 14.58 -10.16 -2.27
C GLY A 369 14.85 -11.06 -3.46
N LEU A 370 13.77 -11.53 -4.10
CA LEU A 370 13.84 -12.44 -5.25
C LEU A 370 14.48 -11.86 -6.49
N GLU A 371 14.25 -10.58 -6.75
CA GLU A 371 14.76 -9.95 -7.97
C GLU A 371 16.29 -9.70 -8.00
N GLU A 372 16.97 -9.86 -6.87
CA GLU A 372 18.42 -9.80 -6.84
C GLU A 372 19.07 -11.13 -7.24
N ASP A 373 18.27 -12.18 -7.38
CA ASP A 373 18.70 -13.41 -7.97
C ASP A 373 18.38 -13.37 -9.46
N PRO A 374 19.42 -13.33 -10.32
CA PRO A 374 19.22 -13.36 -11.76
C PRO A 374 18.33 -14.51 -12.21
N ALA A 375 18.34 -15.63 -11.51
CA ALA A 375 17.44 -16.71 -11.85
C ALA A 375 15.95 -16.33 -11.75
N PHE A 376 15.60 -15.35 -10.91
CA PHE A 376 14.19 -15.00 -10.76
C PHE A 376 13.64 -14.48 -12.07
N SER A 377 14.31 -13.48 -12.65
CA SER A 377 13.98 -12.90 -13.97
C SER A 377 13.98 -13.89 -15.09
N GLU A 378 14.90 -14.85 -15.06
CA GLU A 378 14.91 -15.86 -16.12
C GLU A 378 13.72 -16.78 -16.06
N LEU A 379 13.31 -17.11 -14.86
CA LEU A 379 12.20 -18.06 -14.70
C LEU A 379 10.84 -17.38 -14.75
N PHE A 380 10.77 -16.15 -14.26
CA PHE A 380 9.53 -15.42 -14.10
C PHE A 380 9.56 -14.18 -14.94
N ARG A 381 9.23 -14.39 -16.20
CA ARG A 381 9.37 -13.35 -17.22
C ARG A 381 8.21 -12.35 -17.26
N ILE A 382 7.02 -12.80 -16.89
CA ILE A 382 5.85 -11.93 -17.01
C ILE A 382 5.44 -11.28 -15.67
N ARG A 383 5.69 -9.98 -15.57
CA ARG A 383 5.17 -9.11 -14.52
C ARG A 383 3.69 -8.74 -14.78
N ALA A 384 2.81 -9.12 -13.84
CA ALA A 384 1.38 -8.71 -13.85
C ALA A 384 1.11 -7.79 -12.67
N GLU A 385 1.26 -6.48 -12.89
CA GLU A 385 1.20 -5.52 -11.81
C GLU A 385 -0.19 -4.79 -11.69
N PHE A 386 -0.74 -4.84 -10.48
CA PHE A 386 -1.99 -4.12 -10.12
C PHE A 386 -1.67 -2.66 -9.79
N SER A 387 -2.51 -1.74 -10.25
CA SER A 387 -2.44 -0.37 -9.79
C SER A 387 -3.09 -0.31 -8.39
N PRO A 388 -2.54 0.51 -7.49
CA PRO A 388 -3.15 0.68 -6.16
C PRO A 388 -4.44 1.51 -6.21
N THR A 389 -4.65 2.22 -7.32
CA THR A 389 -5.85 2.97 -7.51
C THR A 389 -6.38 2.78 -8.93
N LEU A 390 -7.68 3.02 -9.08
CA LEU A 390 -8.35 3.08 -10.36
C LEU A 390 -8.88 4.50 -10.64
N PRO A 391 -9.13 4.83 -11.91
CA PRO A 391 -9.91 6.04 -12.22
C PRO A 391 -11.24 6.06 -11.46
N ALA A 392 -11.61 7.21 -10.92
CA ALA A 392 -12.93 7.32 -10.24
C ALA A 392 -13.96 7.60 -11.34
N SER A 393 -14.54 6.55 -11.88
CA SER A 393 -15.49 6.69 -12.98
C SER A 393 -16.76 5.95 -12.65
N PRO A 394 -17.89 6.36 -13.31
CA PRO A 394 -19.18 5.69 -13.19
C PRO A 394 -19.08 4.20 -13.46
N GLU A 395 -18.29 3.84 -14.46
CA GLU A 395 -18.06 2.46 -14.78
C GLU A 395 -17.39 1.74 -13.59
N ASN A 396 -16.52 2.43 -12.87
CA ASN A 396 -15.82 1.72 -11.78
C ASN A 396 -16.68 1.68 -10.52
N CYS A 397 -17.45 2.76 -10.30
CA CYS A 397 -18.52 2.71 -9.27
C CYS A 397 -19.52 1.54 -9.47
N THR A 398 -20.01 1.43 -10.69
CA THR A 398 -20.94 0.40 -11.12
C THR A 398 -20.33 -0.97 -10.94
N ALA A 399 -19.09 -1.16 -11.42
CA ALA A 399 -18.38 -2.42 -11.18
C ALA A 399 -18.24 -2.75 -9.67
N LEU A 400 -17.85 -1.76 -8.92
CA LEU A 400 -17.80 -1.93 -7.45
C LEU A 400 -19.16 -2.46 -6.92
N GLY A 401 -20.24 -1.84 -7.41
CA GLY A 401 -21.57 -2.28 -6.95
C GLY A 401 -21.89 -3.73 -7.25
N GLY A 402 -21.62 -4.16 -8.48
CA GLY A 402 -21.91 -5.55 -8.83
C GLY A 402 -21.01 -6.50 -8.11
N TRP A 403 -19.76 -6.09 -7.92
CA TRP A 403 -18.85 -6.88 -7.09
C TRP A 403 -19.37 -7.04 -5.65
N LEU A 404 -19.75 -5.95 -5.02
CA LEU A 404 -20.32 -6.08 -3.66
C LEU A 404 -21.56 -7.00 -3.61
N LEU A 405 -22.44 -6.91 -4.62
CA LEU A 405 -23.66 -7.72 -4.67
C LEU A 405 -23.32 -9.16 -4.81
N ALA A 406 -22.37 -9.44 -5.70
CA ALA A 406 -21.86 -10.82 -5.89
C ALA A 406 -21.26 -11.40 -4.61
N GLN A 407 -20.63 -10.57 -3.78
CA GLN A 407 -20.13 -11.03 -2.45
C GLN A 407 -21.23 -11.33 -1.40
N GLY A 408 -22.49 -11.03 -1.71
CA GLY A 408 -23.61 -11.32 -0.82
C GLY A 408 -24.17 -10.09 -0.06
N PHE A 409 -23.66 -8.87 -0.30
CA PHE A 409 -24.18 -7.71 0.40
C PHE A 409 -25.56 -7.30 -0.11
N GLN A 410 -26.39 -6.81 0.80
CA GLN A 410 -27.69 -6.15 0.47
C GLN A 410 -27.44 -4.65 0.40
N LEU A 411 -27.31 -4.14 -0.80
CA LEU A 411 -26.74 -2.78 -1.02
C LEU A 411 -27.78 -1.81 -1.50
N THR A 412 -27.79 -0.62 -0.93
CA THR A 412 -28.61 0.47 -1.39
C THR A 412 -27.75 1.47 -2.15
N GLN A 413 -28.38 2.32 -2.94
CA GLN A 413 -27.65 3.28 -3.78
C GLN A 413 -26.73 4.18 -2.95
N GLY A 414 -27.26 4.61 -1.80
CA GLY A 414 -26.58 5.51 -0.90
C GLY A 414 -25.40 4.76 -0.27
N GLY A 415 -25.57 3.47 0.00
CA GLY A 415 -24.49 2.65 0.53
C GLY A 415 -23.34 2.47 -0.46
N LEU A 416 -23.68 2.21 -1.73
CA LEU A 416 -22.70 2.11 -2.79
C LEU A 416 -21.98 3.47 -2.91
N THR A 417 -22.74 4.53 -2.98
CA THR A 417 -22.14 5.88 -3.15
C THR A 417 -21.12 6.28 -2.07
N ARG A 418 -21.48 6.10 -0.79
CA ARG A 418 -20.56 6.36 0.30
C ARG A 418 -19.32 5.47 0.26
N LEU A 419 -19.45 4.21 -0.13
CA LEU A 419 -18.31 3.30 -0.16
C LEU A 419 -17.38 3.71 -1.29
N TYR A 420 -17.96 4.06 -2.44
CA TYR A 420 -17.21 4.58 -3.59
C TYR A 420 -16.46 5.86 -3.18
N ASP A 421 -17.13 6.77 -2.51
CA ASP A 421 -16.48 8.05 -2.14
C ASP A 421 -15.41 7.82 -1.05
N GLU A 422 -15.65 6.86 -0.15
CA GLU A 422 -14.62 6.56 0.84
C GLU A 422 -13.39 5.96 0.12
N ALA A 423 -13.62 5.15 -0.92
CA ALA A 423 -12.49 4.71 -1.73
C ALA A 423 -11.74 5.90 -2.36
N ARG A 424 -12.44 6.96 -2.78
CA ARG A 424 -11.72 8.12 -3.33
C ARG A 424 -10.89 8.81 -2.22
N ARG A 425 -11.48 8.96 -1.05
CA ARG A 425 -10.84 9.56 0.10
C ARG A 425 -9.63 8.69 0.53
N MET A 426 -9.75 7.36 0.57
CA MET A 426 -8.64 6.45 0.87
C MET A 426 -7.42 6.71 -0.13
N ALA A 427 -7.70 7.00 -1.38
CA ALA A 427 -6.71 7.33 -2.39
C ALA A 427 -6.19 8.75 -2.28
N GLU A 428 -6.84 9.59 -1.49
CA GLU A 428 -6.46 11.03 -1.39
C GLU A 428 -6.38 11.70 -2.74
N GLN A 429 -7.33 11.37 -3.59
CA GLN A 429 -7.40 11.93 -4.94
C GLN A 429 -8.88 12.02 -5.33
N ARG A 430 -9.30 13.19 -5.77
CA ARG A 430 -10.69 13.38 -6.13
C ARG A 430 -11.06 12.52 -7.31
N ASP A 431 -10.09 12.31 -8.23
CA ASP A 431 -10.35 11.60 -9.48
C ASP A 431 -9.87 10.16 -9.51
N ARG A 432 -9.38 9.61 -8.40
CA ARG A 432 -9.07 8.18 -8.33
C ARG A 432 -9.69 7.52 -7.13
N MET A 433 -9.79 6.21 -7.18
CA MET A 433 -10.34 5.45 -6.08
C MET A 433 -9.42 4.32 -5.70
N ASP A 434 -9.43 4.01 -4.41
CA ASP A 434 -8.65 2.94 -3.91
C ASP A 434 -9.08 1.63 -4.49
N ALA A 435 -8.12 0.83 -4.94
CA ALA A 435 -8.47 -0.40 -5.65
C ALA A 435 -8.46 -1.60 -4.75
N ARG A 436 -8.17 -1.39 -3.48
CA ARG A 436 -8.12 -2.46 -2.53
C ARG A 436 -9.52 -3.05 -2.21
N LEU A 437 -9.98 -3.91 -3.09
CA LEU A 437 -11.27 -4.56 -2.90
C LEU A 437 -11.42 -5.20 -1.52
N VAL A 438 -10.37 -5.78 -0.96
CA VAL A 438 -10.57 -6.40 0.36
C VAL A 438 -10.78 -5.41 1.49
N GLU A 439 -10.13 -4.24 1.44
CA GLU A 439 -10.35 -3.19 2.42
C GLU A 439 -11.76 -2.62 2.28
N ILE A 440 -12.24 -2.49 1.05
CA ILE A 440 -13.59 -2.03 0.82
C ILE A 440 -14.62 -3.04 1.38
N ARG A 441 -14.40 -4.31 1.09
CA ARG A 441 -15.28 -5.34 1.60
C ARG A 441 -15.28 -5.33 3.14
N ALA A 442 -14.11 -5.19 3.75
CA ALA A 442 -14.04 -5.19 5.21
C ALA A 442 -14.83 -4.02 5.86
N LEU A 443 -14.70 -2.82 5.32
CA LEU A 443 -15.50 -1.68 5.75
C LEU A 443 -17.01 -1.96 5.54
N ALA A 444 -17.34 -2.55 4.38
CA ALA A 444 -18.73 -2.93 4.11
C ALA A 444 -19.25 -3.94 5.13
N GLU A 445 -18.41 -4.86 5.59
CA GLU A 445 -18.87 -5.86 6.53
C GLU A 445 -19.26 -5.21 7.87
N GLU A 446 -18.51 -4.19 8.27
CA GLU A 446 -18.76 -3.46 9.50
C GLU A 446 -20.01 -2.58 9.33
N ALA A 447 -20.13 -1.95 8.17
CA ALA A 447 -21.35 -1.23 7.82
C ALA A 447 -22.58 -2.13 7.85
N ALA A 448 -22.49 -3.32 7.27
CA ALA A 448 -23.64 -4.20 7.27
C ALA A 448 -24.14 -4.51 8.69
N VAL A 449 -23.23 -4.77 9.63
CA VAL A 449 -23.65 -4.96 11.02
C VAL A 449 -24.35 -3.72 11.60
N LEU A 450 -23.82 -2.53 11.38
CA LEU A 450 -24.47 -1.34 11.91
C LEU A 450 -25.83 -1.03 11.23
N GLY A 451 -26.04 -1.51 10.00
CA GLY A 451 -27.33 -1.38 9.32
C GLY A 451 -28.25 -2.63 9.47
N GLY A 452 -27.93 -3.53 10.39
CA GLY A 452 -28.78 -4.70 10.60
C GLY A 452 -28.87 -5.62 9.41
N GLY A 453 -27.81 -5.68 8.59
CA GLY A 453 -27.78 -6.56 7.41
C GLY A 453 -27.81 -5.76 6.12
N LEU A 454 -28.23 -4.51 6.21
CA LEU A 454 -28.38 -3.62 5.06
C LEU A 454 -27.27 -2.59 5.02
N LEU A 455 -26.68 -2.46 3.84
CA LEU A 455 -25.61 -1.56 3.52
C LEU A 455 -26.12 -0.24 2.94
N THR A 456 -26.22 0.73 3.83
CA THR A 456 -26.81 2.02 3.56
C THR A 456 -25.79 3.12 3.65
N ALA A 457 -26.17 4.29 3.16
CA ALA A 457 -25.34 5.46 3.33
C ALA A 457 -24.98 5.68 4.82
N GLU A 458 -26.01 5.57 5.67
CA GLU A 458 -25.81 5.79 7.09
C GLU A 458 -24.85 4.75 7.65
N SER A 459 -25.04 3.48 7.29
CA SER A 459 -24.28 2.42 7.88
C SER A 459 -22.77 2.57 7.55
N VAL A 460 -22.46 3.09 6.37
CA VAL A 460 -21.07 3.28 5.96
C VAL A 460 -20.46 4.49 6.65
N GLU A 461 -21.19 5.59 6.73
CA GLU A 461 -20.74 6.78 7.44
C GLU A 461 -20.50 6.42 8.94
N GLN A 462 -21.31 5.54 9.51
CA GLN A 462 -21.18 5.21 10.93
C GLN A 462 -20.11 4.13 11.14
N ALA A 463 -19.87 3.29 10.13
CA ALA A 463 -18.75 2.36 10.23
C ALA A 463 -17.43 3.13 10.18
N ILE A 464 -17.34 4.17 9.37
CA ILE A 464 -16.18 4.99 9.26
C ILE A 464 -15.96 5.76 10.56
N ALA A 465 -17.00 6.44 11.07
CA ALA A 465 -16.93 7.10 12.36
C ALA A 465 -16.52 6.20 13.52
N ALA A 466 -17.04 4.96 13.57
CA ALA A 466 -16.76 4.10 14.64
C ALA A 466 -15.28 3.63 14.52
N ARG A 467 -14.72 3.45 13.30
CA ARG A 467 -13.26 3.17 13.15
C ARG A 467 -12.42 4.27 13.77
N GLU A 468 -12.77 5.51 13.51
CA GLU A 468 -12.03 6.64 14.06
C GLU A 468 -12.16 6.63 15.58
N HIS A 469 -13.38 6.38 16.10
CA HIS A 469 -13.58 6.33 17.56
C HIS A 469 -12.75 5.24 18.21
N ARG A 470 -12.71 4.06 17.61
CA ARG A 470 -11.94 2.97 18.18
C ARG A 470 -10.43 3.31 18.27
N SER A 471 -9.96 4.25 17.43
CA SER A 471 -8.55 4.63 17.39
C SER A 471 -8.27 6.04 17.87
N PHE A 472 -9.20 6.61 18.61
CA PHE A 472 -9.13 8.00 18.96
C PHE A 472 -8.46 8.30 20.32
N LEU A 473 -8.09 7.27 21.08
CA LEU A 473 -7.65 7.58 22.50
C LEU A 473 -6.50 8.56 22.50
N SER A 474 -5.56 8.36 21.58
CA SER A 474 -4.36 9.20 21.53
C SER A 474 -4.73 10.64 21.29
N GLU A 475 -5.72 10.91 20.43
CA GLU A 475 -6.10 12.30 20.13
C GLU A 475 -6.91 12.93 21.24
N GLU A 476 -7.68 12.12 21.89
CA GLU A 476 -8.42 12.61 23.04
C GLU A 476 -7.46 13.04 24.19
N GLU A 477 -6.41 12.26 24.42
CA GLU A 477 -5.37 12.65 25.38
C GLU A 477 -4.68 13.94 24.91
N PHE A 478 -4.39 14.02 23.61
CA PHE A 478 -3.73 15.20 23.08
C PHE A 478 -4.58 16.44 23.25
N LEU A 479 -5.85 16.34 22.87
CA LEU A 479 -6.75 17.48 22.93
C LEU A 479 -6.97 17.90 24.41
N ARG A 480 -7.09 16.94 25.29
CA ARG A 480 -7.21 17.28 26.69
C ARG A 480 -5.97 18.06 27.17
N ALA A 481 -4.76 17.59 26.82
CA ALA A 481 -3.52 18.28 27.20
C ALA A 481 -3.43 19.72 26.67
N VAL A 482 -3.98 19.93 25.49
CA VAL A 482 -4.05 21.28 24.88
C VAL A 482 -5.05 22.16 25.62
N GLN A 483 -6.22 21.61 25.88
CA GLN A 483 -7.24 22.31 26.65
C GLN A 483 -6.70 22.69 28.04
N GLU A 484 -5.96 21.79 28.69
CA GLU A 484 -5.41 22.08 30.02
C GLU A 484 -4.24 23.02 30.02
N GLY A 485 -3.61 23.29 28.86
CA GLY A 485 -2.44 24.23 28.78
C GLY A 485 -1.14 23.46 28.99
N VAL A 486 -1.24 22.14 29.09
CA VAL A 486 -0.07 21.29 29.25
C VAL A 486 0.74 21.29 27.94
N ILE A 487 0.02 21.26 26.81
CA ILE A 487 0.61 21.59 25.51
C ILE A 487 0.10 22.97 25.18
N ARG A 488 1.02 23.87 24.88
CA ARG A 488 0.69 25.25 24.72
C ARG A 488 0.50 25.51 23.25
N LEU A 489 -0.72 25.83 22.84
CA LEU A 489 -1.03 26.08 21.43
C LEU A 489 -1.86 27.34 21.33
N ARG A 490 -1.73 28.08 20.24
CA ARG A 490 -2.60 29.23 20.06
C ARG A 490 -3.43 28.99 18.85
N THR A 491 -4.71 29.36 18.90
CA THR A 491 -5.54 29.31 17.76
C THR A 491 -6.27 30.59 17.45
N THR A 492 -5.85 31.68 18.07
CA THR A 492 -6.46 32.98 17.89
C THR A 492 -5.38 33.99 18.14
N GLY A 493 -5.62 35.26 17.77
CA GLY A 493 -4.64 36.29 17.96
C GLY A 493 -3.48 36.29 16.98
N ARG A 494 -2.46 37.03 17.36
CA ARG A 494 -1.33 37.38 16.53
C ARG A 494 -0.06 37.26 17.37
N ALA A 495 1.03 36.83 16.75
CA ALA A 495 2.34 36.85 17.38
C ALA A 495 3.43 36.88 16.29
N VAL A 496 4.52 37.50 16.64
CA VAL A 496 5.71 37.60 15.81
C VAL A 496 6.54 36.32 15.90
N GLY A 497 6.95 35.82 14.75
CA GLY A 497 7.89 34.71 14.74
C GLY A 497 7.31 33.37 15.22
N GLU A 498 6.00 33.17 15.12
CA GLU A 498 5.32 31.93 15.51
C GLU A 498 4.25 31.59 14.52
N VAL A 499 3.98 30.30 14.38
CA VAL A 499 3.07 29.79 13.41
C VAL A 499 2.75 28.35 13.83
N ASN A 500 1.54 27.94 13.58
CA ASN A 500 1.12 26.52 13.67
C ASN A 500 1.45 25.86 12.34
N SER A 501 2.36 24.88 12.35
CA SER A 501 2.51 23.99 11.24
C SER A 501 1.75 22.75 11.58
N LEU A 502 1.78 21.77 10.69
CA LEU A 502 0.95 20.61 10.82
C LEU A 502 1.75 19.35 10.55
N VAL A 503 1.54 18.36 11.40
CA VAL A 503 2.27 17.12 11.33
C VAL A 503 1.31 15.96 11.36
N VAL A 504 1.84 14.79 11.06
CA VAL A 504 1.07 13.54 11.06
C VAL A 504 1.80 12.60 11.95
N VAL A 505 1.06 11.93 12.82
CA VAL A 505 1.64 10.95 13.74
C VAL A 505 1.76 9.62 13.00
N GLU A 506 2.95 9.04 12.96
CA GLU A 506 3.21 7.84 12.16
C GLU A 506 2.92 6.56 12.92
N ALA A 507 1.66 6.39 13.26
CA ALA A 507 1.10 5.11 13.68
C ALA A 507 -0.31 5.17 13.08
N ALA A 508 -0.82 4.04 12.57
CA ALA A 508 -2.18 3.96 12.04
C ALA A 508 -3.18 4.45 13.11
N PRO A 509 -4.21 5.20 12.72
CA PRO A 509 -4.65 5.58 11.38
C PRO A 509 -4.10 6.96 10.93
N TYR A 510 -2.97 7.40 11.48
CA TYR A 510 -2.24 8.59 10.96
C TYR A 510 -2.98 9.89 11.18
N TRP A 511 -3.23 10.22 12.44
CA TRP A 511 -3.91 11.46 12.80
C TRP A 511 -2.99 12.64 12.53
N GLY A 512 -3.55 13.75 12.09
CA GLY A 512 -2.78 15.00 11.95
C GLY A 512 -2.99 15.87 13.19
N ARG A 513 -2.02 16.74 13.48
CA ARG A 513 -2.08 17.64 14.59
C ARG A 513 -1.35 18.91 14.24
N PRO A 514 -1.72 20.02 14.86
CA PRO A 514 -0.90 21.24 14.76
C PRO A 514 0.40 21.08 15.62
N ALA A 515 1.46 21.75 15.22
CA ALA A 515 2.68 21.83 16.02
C ALA A 515 3.13 23.29 16.03
N ARG A 516 3.32 23.85 17.20
CA ARG A 516 3.80 25.21 17.29
C ARG A 516 5.25 25.35 16.92
N LEU A 517 5.54 26.34 16.11
CA LEU A 517 6.86 26.52 15.59
C LEU A 517 7.24 27.95 15.88
N THR A 518 8.45 28.17 16.39
CA THR A 518 8.92 29.53 16.64
C THR A 518 10.20 29.80 15.85
N ALA A 519 10.43 31.09 15.53
CA ALA A 519 11.61 31.56 14.87
C ALA A 519 12.06 32.82 15.65
N ARG A 520 13.34 32.92 15.94
CA ARG A 520 13.89 34.05 16.67
C ARG A 520 15.07 34.57 15.87
N ALA A 521 15.16 35.89 15.76
CA ALA A 521 16.17 36.49 14.94
C ALA A 521 17.05 37.36 15.81
N ALA A 522 18.33 37.33 15.53
CA ALA A 522 19.29 38.08 16.30
C ALA A 522 20.36 38.53 15.33
N PRO A 523 21.08 39.62 15.67
CA PRO A 523 22.18 40.08 14.83
C PRO A 523 23.30 39.05 14.84
N GLY A 524 23.80 38.69 13.67
CA GLY A 524 24.83 37.66 13.57
C GLY A 524 25.24 37.36 12.14
N ARG A 525 25.78 36.17 11.92
CA ARG A 525 26.57 35.89 10.72
C ARG A 525 25.93 34.86 9.81
N ASP A 526 24.84 35.24 9.16
CA ASP A 526 24.15 34.40 8.22
C ASP A 526 24.01 32.92 8.69
N HIS A 527 23.42 32.71 9.85
CA HIS A 527 23.14 31.32 10.31
C HIS A 527 21.65 31.05 10.45
N LEU A 528 21.18 30.02 9.78
CA LEU A 528 19.83 29.53 9.99
C LEU A 528 19.97 28.21 10.77
N ILE A 529 19.48 28.18 12.00
CA ILE A 529 19.67 27.07 12.91
C ILE A 529 18.32 26.34 13.08
N SER A 530 18.21 25.11 12.61
CA SER A 530 17.13 24.23 13.02
C SER A 530 17.46 23.54 14.36
N ILE A 531 16.83 23.97 15.44
CA ILE A 531 17.12 23.42 16.77
C ILE A 531 16.79 21.92 16.83
N ASP A 532 15.70 21.49 16.19
CA ASP A 532 15.34 20.07 16.18
C ASP A 532 16.34 19.21 15.44
N ARG A 533 16.89 19.79 14.38
CA ARG A 533 17.84 19.10 13.57
C ARG A 533 19.17 18.97 14.33
N GLU A 534 19.67 20.09 14.86
CA GLU A 534 20.87 20.10 15.73
C GLU A 534 20.78 19.20 16.95
N ALA A 535 19.61 19.07 17.55
CA ALA A 535 19.42 18.19 18.69
C ALA A 535 19.25 16.71 18.23
N GLY A 536 19.22 16.45 16.93
CA GLY A 536 19.17 15.02 16.45
C GLY A 536 17.75 14.52 16.23
N LEU A 537 16.74 15.37 16.36
CA LEU A 537 15.37 14.92 16.19
C LEU A 537 14.91 14.96 14.73
N GLY A 538 15.47 15.88 13.96
CA GLY A 538 15.09 16.00 12.56
C GLY A 538 15.85 15.11 11.61
N GLY A 539 15.19 14.64 10.56
CA GLY A 539 15.79 13.70 9.65
C GLY A 539 16.39 14.40 8.45
N GLN A 540 16.87 13.60 7.53
CA GLN A 540 17.58 14.09 6.33
C GLN A 540 16.74 15.01 5.44
N ILE A 541 15.50 14.64 5.15
CA ILE A 541 14.64 15.51 4.34
C ILE A 541 14.26 16.80 5.09
N PHE A 542 14.05 16.66 6.39
CA PHE A 542 13.86 17.84 7.24
C PHE A 542 15.04 18.80 7.17
N HIS A 543 16.24 18.24 7.25
CA HIS A 543 17.44 18.98 7.16
C HIS A 543 17.55 19.66 5.77
N LYS A 544 17.28 18.86 4.76
CA LYS A 544 17.28 19.38 3.40
C LYS A 544 16.37 20.62 3.23
N ALA A 545 15.15 20.57 3.80
CA ALA A 545 14.24 21.73 3.74
C ALA A 545 14.82 22.95 4.42
N VAL A 546 15.52 22.74 5.53
CA VAL A 546 16.14 23.91 6.19
C VAL A 546 17.22 24.52 5.32
N LEU A 547 18.11 23.67 4.80
CA LEU A 547 19.13 24.15 3.85
C LEU A 547 18.53 24.87 2.64
N THR A 548 17.41 24.37 2.14
CA THR A 548 16.77 24.98 0.97
C THR A 548 16.27 26.40 1.30
N LEU A 549 15.69 26.58 2.48
CA LEU A 549 15.26 27.90 2.92
C LEU A 549 16.39 28.85 3.07
N ALA A 550 17.51 28.36 3.63
CA ALA A 550 18.71 29.14 3.74
C ALA A 550 19.15 29.64 2.37
N GLY A 551 19.10 28.76 1.39
CA GLY A 551 19.45 29.12 0.03
C GLY A 551 18.50 30.18 -0.55
N TYR A 552 17.20 30.06 -0.26
CA TYR A 552 16.27 31.08 -0.69
C TYR A 552 16.60 32.43 -0.04
N LEU A 553 16.79 32.44 1.28
CA LEU A 553 16.91 33.70 2.02
C LEU A 553 18.19 34.47 1.69
N ARG A 554 19.32 33.77 1.70
CA ARG A 554 20.63 34.39 1.33
C ARG A 554 20.58 35.04 -0.03
N SER A 555 19.95 34.37 -1.00
CA SER A 555 20.01 34.86 -2.36
C SER A 555 18.94 35.87 -2.60
N ARG A 556 17.93 35.91 -1.74
CA ARG A 556 16.82 36.84 -1.95
C ARG A 556 17.18 38.23 -1.35
N TYR A 557 17.95 38.27 -0.28
CA TYR A 557 18.27 39.52 0.43
C TYR A 557 19.78 39.69 0.44
N ILE A 558 20.28 40.33 -0.62
CA ILE A 558 21.72 40.46 -0.82
C ILE A 558 22.32 41.86 -0.57
N GLU A 559 21.46 42.87 -0.37
CA GLU A 559 21.93 44.28 -0.26
C GLU A 559 23.03 44.48 0.81
N HIS A 560 23.04 43.68 1.88
CA HIS A 560 24.08 43.81 2.92
C HIS A 560 25.24 42.83 2.78
N GLY A 561 25.40 42.22 1.62
CA GLY A 561 26.32 41.11 1.51
C GLY A 561 25.62 39.93 2.17
N SER A 562 26.35 39.07 2.86
CA SER A 562 25.71 37.98 3.55
C SER A 562 24.69 38.51 4.58
N LEU A 563 23.71 37.66 4.91
CA LEU A 563 22.61 38.03 5.79
C LEU A 563 23.16 38.40 7.15
N PRO A 564 22.78 39.57 7.67
CA PRO A 564 23.24 40.00 8.98
C PRO A 564 22.42 39.42 10.15
N VAL A 565 21.78 38.26 9.98
CA VAL A 565 21.03 37.63 11.05
C VAL A 565 21.41 36.19 11.29
N THR A 566 21.26 35.79 12.54
CA THR A 566 21.19 34.40 12.95
C THR A 566 19.73 34.12 13.32
N ILE A 567 19.17 33.09 12.70
CA ILE A 567 17.79 32.75 12.90
C ILE A 567 17.69 31.32 13.44
N SER A 568 17.00 31.14 14.57
CA SER A 568 16.81 29.83 15.15
C SER A 568 15.33 29.45 15.13
N LEU A 569 15.06 28.21 14.72
CA LEU A 569 13.76 27.62 14.50
C LEU A 569 13.58 26.50 15.45
N ALA A 570 12.40 26.43 16.08
CA ALA A 570 12.12 25.31 16.96
C ALA A 570 10.69 24.86 16.80
N PHE A 571 10.50 23.56 16.76
CA PHE A 571 9.18 22.97 17.07
C PHE A 571 9.00 22.90 18.55
N GLU A 572 8.20 23.79 19.08
CA GLU A 572 8.21 23.99 20.54
C GLU A 572 7.71 22.76 21.27
N GLN A 573 6.72 22.00 20.99
CA GLN A 573 6.87 20.99 22.21
C GLN A 573 7.16 19.61 21.70
N ASN A 574 8.19 19.55 20.86
CA ASN A 574 8.43 18.33 20.16
C ASN A 574 9.48 17.48 20.86
N TYR A 575 9.11 16.24 21.13
CA TYR A 575 9.95 15.33 21.86
C TYR A 575 10.30 14.12 21.01
N VAL A 576 9.87 14.07 19.74
CA VAL A 576 10.03 12.86 18.95
C VAL A 576 10.78 13.22 17.67
N SER A 577 11.16 12.20 16.95
CA SER A 577 11.81 12.47 15.68
C SER A 577 10.78 12.89 14.67
N ILE A 578 11.18 13.82 13.83
CA ILE A 578 10.31 14.47 12.89
C ILE A 578 11.00 14.38 11.54
N GLU A 579 10.28 14.11 10.47
CA GLU A 579 10.92 14.00 9.14
C GLU A 579 10.00 14.51 8.06
N GLY A 580 10.55 15.07 7.01
CA GLY A 580 9.79 15.54 5.84
C GLY A 580 10.10 17.01 5.62
N ASP A 581 9.63 17.52 4.50
CA ASP A 581 9.95 18.86 4.04
C ASP A 581 8.74 19.79 4.16
N ALA A 582 7.65 19.29 4.70
CA ALA A 582 6.35 19.99 4.70
C ALA A 582 6.20 21.08 5.76
N ALA A 583 7.27 21.32 6.51
CA ALA A 583 7.26 22.46 7.43
C ALA A 583 8.07 23.63 6.84
N GLY A 584 8.60 23.46 5.63
CA GLY A 584 9.41 24.49 5.02
C GLY A 584 8.66 25.82 4.92
N LEU A 585 7.40 25.76 4.51
CA LEU A 585 6.63 27.00 4.39
C LEU A 585 6.45 27.68 5.75
N ALA A 586 6.03 26.89 6.72
CA ALA A 586 5.85 27.42 8.09
C ALA A 586 7.15 28.05 8.64
N GLU A 587 8.27 27.37 8.39
CA GLU A 587 9.60 27.86 8.79
C GLU A 587 10.01 29.15 8.10
N LEU A 588 9.78 29.21 6.80
CA LEU A 588 10.17 30.40 6.08
C LEU A 588 9.32 31.58 6.49
N VAL A 589 8.00 31.41 6.60
CA VAL A 589 7.17 32.55 7.04
C VAL A 589 7.53 32.98 8.48
N ALA A 590 7.76 32.03 9.36
CA ALA A 590 8.18 32.40 10.70
C ALA A 590 9.46 33.20 10.69
N ALA A 591 10.40 32.81 9.81
CA ALA A 591 11.68 33.44 9.73
C ALA A 591 11.54 34.88 9.23
N LEU A 592 10.76 35.08 8.17
CA LEU A 592 10.53 36.40 7.57
C LEU A 592 9.84 37.28 8.58
N SER A 593 8.90 36.68 9.31
CA SER A 593 8.22 37.39 10.39
C SER A 593 9.16 37.85 11.50
N ALA A 594 10.02 36.94 11.99
CA ALA A 594 11.03 37.37 12.94
C ALA A 594 11.96 38.46 12.32
N ILE A 595 12.35 38.35 11.07
CA ILE A 595 13.25 39.39 10.52
C ILE A 595 12.55 40.74 10.47
N GLY A 596 11.28 40.73 10.06
CA GLY A 596 10.58 41.99 9.83
C GLY A 596 9.74 42.47 10.99
N ASN A 597 9.69 41.70 12.08
CA ASN A 597 8.86 42.02 13.22
C ASN A 597 7.39 42.10 12.78
N LEU A 598 6.94 41.10 12.02
CA LEU A 598 5.59 41.09 11.44
C LEU A 598 4.65 40.17 12.21
N PRO A 599 3.63 40.75 12.87
CA PRO A 599 2.76 39.88 13.63
C PRO A 599 2.01 38.99 12.67
N LEU A 600 1.96 37.69 12.97
CA LEU A 600 1.27 36.70 12.15
C LEU A 600 0.03 36.17 12.84
N ARG A 601 -1.03 35.97 12.07
CA ARG A 601 -2.24 35.36 12.55
C ARG A 601 -1.96 33.93 13.01
N GLN A 602 -2.50 33.58 14.18
CA GLN A 602 -2.32 32.29 14.79
C GLN A 602 -3.53 31.41 14.56
N ASP A 603 -4.56 31.95 13.89
CA ASP A 603 -5.76 31.17 13.63
C ASP A 603 -5.70 30.39 12.32
N LEU A 604 -4.64 30.60 11.54
CA LEU A 604 -4.38 29.85 10.32
C LEU A 604 -3.11 28.98 10.47
N ALA A 605 -3.27 27.66 10.37
CA ALA A 605 -2.16 26.74 10.33
C ALA A 605 -1.61 26.70 8.88
N VAL A 606 -0.37 26.26 8.75
CA VAL A 606 0.35 26.32 7.50
C VAL A 606 0.99 24.96 7.18
N THR A 607 0.93 24.50 5.95
CA THR A 607 1.64 23.32 5.54
C THR A 607 2.06 23.55 4.11
N GLY A 608 3.25 23.10 3.77
CA GLY A 608 3.79 23.23 2.43
C GLY A 608 5.29 23.10 2.39
N ALA A 609 5.82 22.57 1.29
CA ALA A 609 7.27 22.52 1.12
C ALA A 609 7.66 23.75 0.31
N VAL A 610 8.92 24.17 0.36
CA VAL A 610 9.36 25.31 -0.45
C VAL A 610 10.62 24.96 -1.23
N ASP A 611 10.76 25.46 -2.44
CA ASP A 611 11.99 25.21 -3.18
C ASP A 611 12.91 26.40 -2.98
N GLN A 612 14.06 26.39 -3.64
CA GLN A 612 15.04 27.46 -3.45
C GLN A 612 14.62 28.78 -3.98
N THR A 613 13.60 28.78 -4.85
CA THR A 613 13.11 30.01 -5.49
C THR A 613 11.93 30.58 -4.72
N GLY A 614 11.47 29.88 -3.67
CA GLY A 614 10.37 30.34 -2.80
C GLY A 614 8.97 29.92 -3.27
N LYS A 615 8.88 29.01 -4.23
CA LYS A 615 7.61 28.42 -4.57
C LYS A 615 7.22 27.32 -3.63
N VAL A 616 5.90 27.14 -3.52
CA VAL A 616 5.34 26.19 -2.60
C VAL A 616 5.00 24.91 -3.31
N LEU A 617 5.39 23.79 -2.72
CA LEU A 617 5.30 22.50 -3.36
C LEU A 617 4.35 21.59 -2.55
N ALA A 618 3.78 20.59 -3.23
CA ALA A 618 2.85 19.64 -2.66
C ALA A 618 3.44 18.94 -1.46
N VAL A 619 2.56 18.59 -0.53
CA VAL A 619 2.91 17.79 0.69
C VAL A 619 1.97 16.59 0.77
N GLY A 620 2.29 15.63 1.62
CA GLY A 620 1.41 14.49 1.81
C GLY A 620 0.41 14.67 2.96
N ALA A 621 -0.55 13.74 3.04
CA ALA A 621 -1.47 13.61 4.15
C ALA A 621 -2.22 14.92 4.39
N ILE A 622 -2.66 15.54 3.32
CA ILE A 622 -3.19 16.90 3.40
C ILE A 622 -4.58 16.90 4.11
N ASN A 623 -5.40 15.87 3.90
CA ASN A 623 -6.68 15.74 4.59
C ASN A 623 -6.46 15.62 6.13
N ALA A 624 -5.53 14.77 6.53
CA ALA A 624 -5.33 14.51 7.98
C ALA A 624 -4.83 15.79 8.63
N LYS A 625 -3.97 16.48 7.91
CA LYS A 625 -3.46 17.76 8.40
C LYS A 625 -4.53 18.82 8.56
N VAL A 626 -5.34 19.07 7.53
CA VAL A 626 -6.41 20.04 7.66
C VAL A 626 -7.36 19.68 8.81
N GLU A 627 -7.75 18.41 8.87
CA GLU A 627 -8.75 17.95 9.80
C GLU A 627 -8.22 17.99 11.21
N GLY A 628 -6.90 17.81 11.34
CA GLY A 628 -6.27 17.89 12.62
C GLY A 628 -6.31 19.29 13.22
N PHE A 629 -6.10 20.30 12.40
CA PHE A 629 -6.21 21.67 12.88
C PHE A 629 -7.68 22.03 13.17
N PHE A 630 -8.60 21.60 12.32
CA PHE A 630 -10.02 21.83 12.63
C PHE A 630 -10.40 21.21 13.99
N ARG A 631 -9.97 19.98 14.22
CA ARG A 631 -10.23 19.28 15.49
C ARG A 631 -9.70 20.07 16.70
N VAL A 632 -8.47 20.60 16.66
CA VAL A 632 -8.01 21.44 17.77
C VAL A 632 -8.79 22.74 17.90
N CYS A 633 -9.07 23.39 16.78
CA CYS A 633 -9.85 24.62 16.81
C CYS A 633 -11.26 24.38 17.43
N LYS A 634 -11.88 23.29 17.03
CA LYS A 634 -13.17 22.93 17.55
C LYS A 634 -13.10 22.65 19.08
N ALA A 635 -12.09 21.92 19.54
CA ALA A 635 -11.95 21.61 20.95
C ALA A 635 -11.65 22.85 21.77
N LEU A 636 -11.00 23.84 21.19
CA LEU A 636 -10.78 25.09 21.91
C LEU A 636 -11.90 26.14 21.69
N GLY A 637 -12.96 25.78 20.97
CA GLY A 637 -14.00 26.72 20.54
C GLY A 637 -13.72 27.50 19.27
N LEU A 638 -14.52 27.26 18.25
CA LEU A 638 -14.30 27.86 16.94
C LEU A 638 -14.47 29.35 17.01
N SER A 639 -13.53 30.10 16.46
CA SER A 639 -13.63 31.55 16.50
C SER A 639 -14.41 32.13 15.32
N GLY A 640 -14.59 31.33 14.26
CA GLY A 640 -15.14 31.80 12.99
C GLY A 640 -14.12 32.33 11.98
N THR A 641 -12.86 32.49 12.36
CA THR A 641 -11.84 32.95 11.42
C THR A 641 -10.69 31.96 11.21
N GLN A 642 -10.82 30.72 11.68
CA GLN A 642 -9.72 29.82 11.66
C GLN A 642 -9.60 29.12 10.31
N GLY A 643 -8.45 28.49 10.07
CA GLY A 643 -8.26 27.81 8.82
C GLY A 643 -6.84 27.36 8.55
N VAL A 644 -6.55 27.06 7.27
CA VAL A 644 -5.33 26.44 6.83
C VAL A 644 -4.90 27.03 5.51
N ILE A 645 -3.61 27.32 5.44
CA ILE A 645 -2.97 27.68 4.21
C ILE A 645 -2.15 26.47 3.74
N LEU A 646 -2.37 26.05 2.49
CA LEU A 646 -1.80 24.83 1.95
C LEU A 646 -1.38 25.05 0.49
N PRO A 647 -0.69 24.07 -0.13
CA PRO A 647 -0.27 24.28 -1.51
C PRO A 647 -1.40 24.12 -2.51
N GLU A 648 -1.43 25.05 -3.42
CA GLU A 648 -2.31 24.95 -4.59
C GLU A 648 -2.12 23.66 -5.32
N ALA A 649 -0.90 23.16 -5.28
CA ALA A 649 -0.57 21.92 -5.89
C ALA A 649 -1.28 20.73 -5.25
N ASN A 650 -1.91 20.90 -4.07
CA ASN A 650 -2.60 19.79 -3.44
C ASN A 650 -4.14 19.85 -3.66
N LEU A 651 -4.63 20.73 -4.52
CA LEU A 651 -6.10 20.87 -4.70
C LEU A 651 -6.76 19.55 -5.04
N ALA A 652 -6.13 18.76 -5.88
CA ALA A 652 -6.72 17.54 -6.33
C ALA A 652 -6.65 16.45 -5.28
N ASN A 653 -5.92 16.68 -4.17
CA ASN A 653 -5.87 15.74 -3.04
C ASN A 653 -6.90 16.01 -1.93
N LEU A 654 -7.55 17.18 -1.93
CA LEU A 654 -8.48 17.57 -0.88
C LEU A 654 -9.79 16.81 -1.00
N THR A 655 -9.96 15.83 -0.12
CA THR A 655 -11.21 15.13 -0.04
C THR A 655 -11.68 15.16 1.41
N LEU A 656 -11.93 16.38 1.88
CA LEU A 656 -12.18 16.66 3.28
C LEU A 656 -13.49 16.02 3.81
N ARG A 657 -13.46 15.57 5.06
CA ARG A 657 -14.62 15.02 5.73
C ARG A 657 -15.74 16.01 5.86
N ALA A 658 -16.94 15.46 5.93
CA ALA A 658 -18.20 16.29 5.96
C ALA A 658 -18.16 17.48 6.93
N GLU A 659 -17.67 17.22 8.13
CA GLU A 659 -17.68 18.22 9.19
C GLU A 659 -16.82 19.48 8.83
N VAL A 660 -15.71 19.27 8.17
CA VAL A 660 -14.88 20.39 7.77
C VAL A 660 -15.54 21.09 6.61
N LEU A 661 -16.09 20.31 5.69
CA LEU A 661 -16.81 20.92 4.55
C LEU A 661 -17.97 21.82 5.04
N GLU A 662 -18.74 21.31 5.98
CA GLU A 662 -19.87 22.10 6.50
C GLU A 662 -19.40 23.36 7.22
N ALA A 663 -18.23 23.29 7.90
CA ALA A 663 -17.72 24.45 8.60
C ALA A 663 -17.28 25.45 7.66
N VAL A 664 -16.71 24.99 6.55
CA VAL A 664 -16.29 25.94 5.51
C VAL A 664 -17.51 26.54 4.82
N ARG A 665 -18.52 25.72 4.54
CA ARG A 665 -19.77 26.26 4.01
C ARG A 665 -20.43 27.29 4.97
N ALA A 666 -20.27 27.07 6.27
CA ALA A 666 -20.82 27.98 7.27
C ALA A 666 -20.04 29.26 7.54
N GLY A 667 -18.91 29.46 6.84
CA GLY A 667 -17.99 30.56 7.12
C GLY A 667 -17.24 30.41 8.43
N GLN A 668 -17.22 29.21 9.01
CA GLN A 668 -16.56 28.96 10.33
C GLN A 668 -15.08 28.42 10.20
N PHE A 669 -14.66 28.13 8.99
CA PHE A 669 -13.34 27.63 8.71
C PHE A 669 -13.02 28.03 7.28
N HIS A 670 -11.74 28.22 6.99
CA HIS A 670 -11.28 28.78 5.74
C HIS A 670 -10.03 28.04 5.25
N ILE A 671 -9.97 27.79 3.94
CA ILE A 671 -8.84 27.14 3.31
C ILE A 671 -8.29 28.08 2.29
N TYR A 672 -6.97 28.32 2.38
CA TYR A 672 -6.27 29.10 1.39
C TYR A 672 -5.27 28.23 0.68
N ALA A 673 -5.17 28.40 -0.63
CA ALA A 673 -4.21 27.70 -1.45
C ALA A 673 -3.24 28.71 -2.01
N VAL A 674 -1.95 28.42 -1.90
CA VAL A 674 -0.94 29.35 -2.40
C VAL A 674 0.05 28.65 -3.29
N GLU A 675 0.74 29.48 -4.07
CA GLU A 675 1.79 29.07 -4.98
C GLU A 675 3.18 29.52 -4.52
N THR A 676 3.26 30.58 -3.73
CA THR A 676 4.53 31.07 -3.26
C THR A 676 4.48 31.30 -1.75
N ALA A 677 5.67 31.31 -1.14
CA ALA A 677 5.81 31.58 0.27
C ALA A 677 5.36 32.98 0.64
N GLU A 678 5.73 33.94 -0.18
CA GLU A 678 5.29 35.30 0.04
C GLU A 678 3.74 35.41 0.05
N GLN A 679 3.03 34.65 -0.81
CA GLN A 679 1.57 34.69 -0.79
C GLN A 679 1.06 34.29 0.59
N ALA A 680 1.72 33.29 1.18
CA ALA A 680 1.35 32.80 2.52
C ALA A 680 1.62 33.84 3.54
N LEU A 681 2.77 34.50 3.45
CA LEU A 681 3.12 35.54 4.39
C LEU A 681 2.07 36.68 4.39
N GLU A 682 1.65 37.07 3.19
CA GLU A 682 0.64 38.14 2.99
C GLU A 682 -0.65 37.88 3.74
N ILE A 683 -1.15 36.67 3.59
CA ILE A 683 -2.34 36.23 4.29
C ILE A 683 -2.13 36.25 5.80
N LEU A 684 -0.98 35.75 6.26
CA LEU A 684 -0.70 35.66 7.68
C LEU A 684 -0.45 37.01 8.35
N ALA A 685 0.18 37.93 7.63
CA ALA A 685 0.51 39.26 8.19
C ALA A 685 -0.52 40.29 7.84
N GLY A 686 -1.51 39.93 7.01
CA GLY A 686 -2.64 40.78 6.69
C GLY A 686 -2.26 41.98 5.85
N ALA A 687 -1.26 41.84 4.99
CA ALA A 687 -0.84 42.91 4.05
C ALA A 687 -0.17 42.33 2.79
N ARG A 688 0.07 43.18 1.80
CA ARG A 688 0.76 42.80 0.58
C ARG A 688 2.23 43.06 0.73
N MET A 689 3.03 42.33 -0.04
CA MET A 689 4.50 42.51 -0.10
C MET A 689 4.90 43.90 -0.60
N GLU A 690 4.18 44.39 -1.60
CA GLU A 690 4.43 45.70 -2.23
C GLU A 690 3.29 46.65 -1.85
N GLY A 691 2.93 47.57 -2.74
CA GLY A 691 2.07 48.72 -2.38
C GLY A 691 2.70 49.53 -1.25
N PHE A 692 4.03 49.41 -1.16
CA PHE A 692 4.89 49.83 -0.02
C PHE A 692 4.36 51.08 0.75
N ARG A 693 3.50 50.93 1.78
CA ARG A 693 3.81 50.21 3.06
C ARG A 693 3.48 48.71 3.24
N GLY A 694 4.16 47.90 2.46
CA GLY A 694 3.98 46.48 2.45
C GLY A 694 5.09 45.83 3.22
N LEU A 695 5.05 44.51 3.22
CA LEU A 695 5.90 43.71 4.04
C LEU A 695 7.34 43.76 3.61
N GLN A 696 7.59 43.86 2.31
CA GLN A 696 8.94 43.75 1.82
C GLN A 696 9.82 44.87 2.40
N GLU A 697 9.27 46.09 2.46
CA GLU A 697 10.06 47.18 3.04
C GLU A 697 10.25 46.96 4.54
N LYS A 698 9.29 46.31 5.20
CA LYS A 698 9.50 46.04 6.64
C LYS A 698 10.59 45.02 6.84
N ILE A 699 10.61 44.03 5.96
CA ILE A 699 11.66 43.01 6.00
C ILE A 699 13.03 43.64 5.73
N ARG A 700 13.13 44.39 4.66
CA ARG A 700 14.38 45.10 4.39
C ARG A 700 14.73 46.02 5.56
N ALA A 701 13.75 46.66 6.18
CA ALA A 701 14.11 47.53 7.33
C ALA A 701 14.61 46.72 8.53
N GLY A 702 14.12 45.50 8.72
CA GLY A 702 14.61 44.73 9.87
C GLY A 702 16.05 44.35 9.59
N LEU A 703 16.31 43.91 8.38
CA LEU A 703 17.67 43.51 7.99
C LEU A 703 18.70 44.66 8.14
N GLU A 704 18.33 45.86 7.72
CA GLU A 704 19.17 47.06 7.93
C GLU A 704 19.40 47.27 9.45
N ALA A 705 18.35 47.18 10.25
CA ALA A 705 18.53 47.31 11.72
C ALA A 705 19.48 46.23 12.27
N PHE A 706 19.27 44.99 11.86
CA PHE A 706 20.17 43.93 12.29
C PHE A 706 21.62 44.18 11.84
N ALA A 707 21.78 44.67 10.61
CA ALA A 707 23.13 44.96 10.12
C ALA A 707 23.80 46.11 10.88
N ARG A 708 23.07 47.14 11.25
CA ARG A 708 23.67 48.21 12.07
C ARG A 708 24.13 47.67 13.45
N LEU A 709 23.34 46.80 14.07
CA LEU A 709 23.70 46.26 15.41
C LEU A 709 24.92 45.36 15.31
N GLU A 710 24.96 44.58 14.25
CA GLU A 710 26.09 43.71 13.93
C GLU A 710 27.37 44.46 13.56
N GLU A 711 27.26 45.57 12.84
CA GLU A 711 28.45 46.27 12.29
C GLU A 711 28.89 47.47 13.14
N GLY A 712 28.02 48.46 13.30
CA GLY A 712 28.42 49.79 13.82
C GLY A 712 28.41 49.85 15.33
N ALA B 1 5.18 7.98 18.99
CA ALA B 1 5.53 7.75 17.56
C ALA B 1 6.22 8.96 16.92
N PRO B 2 7.17 8.69 16.03
CA PRO B 2 7.72 9.74 15.16
C PRO B 2 6.62 10.40 14.33
N GLU B 3 6.94 11.61 13.85
CA GLU B 3 6.00 12.39 13.08
C GLU B 3 6.53 12.77 11.72
N ALA B 4 5.61 12.82 10.76
CA ALA B 4 5.93 13.34 9.44
C ALA B 4 5.44 14.76 9.37
N VAL B 5 6.25 15.65 8.90
CA VAL B 5 5.63 16.80 8.28
C VAL B 5 5.47 16.36 6.79
P PO4 C . -4.30 -10.00 -1.79
O1 PO4 C . -4.74 -11.35 -2.40
O2 PO4 C . -3.15 -10.21 -0.88
O3 PO4 C . -4.03 -8.97 -2.86
O4 PO4 C . -5.39 -9.40 -0.91
#